data_6DBD
#
_entry.id   6DBD
#
_cell.length_a   97.701
_cell.length_b   97.701
_cell.length_c   243.800
_cell.angle_alpha   90.000
_cell.angle_beta   90.000
_cell.angle_gamma   120.000
#
_symmetry.space_group_name_H-M   'P 65 2 2'
#
loop_
_entity.id
_entity.type
_entity.pdbx_description
1 polymer 'nanobody VHH R326'
2 non-polymer 'SODIUM ION'
3 non-polymer 'ACETATE ION'
4 water water
#
_entity_poly.entity_id   1
_entity_poly.type   'polypeptide(L)'
_entity_poly.pdbx_seq_one_letter_code
;QVKLEESGGGLVQAEGSLRLSCVTSGRIEGILLVGWYRQGPGKQRDVVASIDRNGNTRYDGSAEGRFTIARENANTVYLQ
MNNLRPEDSNVYVCGALSSGVNPWAWGQGTQVTVSSENLYFQGHHHHHH
;
_entity_poly.pdbx_strand_id   A,B,C,D
#
# COMPACT_ATOMS: atom_id res chain seq x y z
N GLN A 1 31.28 6.60 -5.69
CA GLN A 1 32.23 6.29 -4.57
C GLN A 1 31.72 5.14 -3.67
N VAL A 2 30.55 4.59 -4.00
CA VAL A 2 30.08 3.35 -3.42
C VAL A 2 29.99 2.32 -4.54
N LYS A 3 30.56 1.14 -4.32
CA LYS A 3 30.52 0.05 -5.29
C LYS A 3 29.84 -1.14 -4.64
N LEU A 4 28.96 -1.81 -5.41
CA LEU A 4 28.22 -2.98 -4.96
C LEU A 4 28.56 -4.17 -5.83
N GLU A 5 28.84 -5.31 -5.20
CA GLU A 5 29.11 -6.55 -5.92
C GLU A 5 28.18 -7.64 -5.41
N GLU A 6 27.45 -8.27 -6.32
CA GLU A 6 26.41 -9.23 -5.97
C GLU A 6 26.82 -10.66 -6.29
N SER A 7 26.30 -11.60 -5.48
CA SER A 7 26.44 -13.03 -5.75
C SER A 7 25.24 -13.78 -5.20
N GLY A 8 25.18 -15.07 -5.54
CA GLY A 8 24.25 -16.00 -4.94
C GLY A 8 23.08 -16.44 -5.79
N GLY A 9 22.89 -15.90 -6.99
CA GLY A 9 21.76 -16.28 -7.79
C GLY A 9 22.01 -17.57 -8.55
N GLY A 10 21.12 -17.86 -9.50
CA GLY A 10 21.29 -19.00 -10.36
C GLY A 10 19.98 -19.70 -10.60
N LEU A 11 20.03 -21.01 -10.77
CA LEU A 11 18.87 -21.80 -11.17
C LEU A 11 18.48 -22.72 -10.02
N VAL A 12 17.19 -22.72 -9.68
CA VAL A 12 16.67 -23.54 -8.60
C VAL A 12 15.27 -24.01 -8.95
N GLN A 13 14.88 -25.13 -8.35
CA GLN A 13 13.54 -25.64 -8.58
C GLN A 13 12.53 -24.95 -7.65
N ALA A 14 11.27 -24.95 -8.08
CA ALA A 14 10.20 -24.35 -7.29
C ALA A 14 10.17 -24.99 -5.91
N GLU A 15 9.94 -24.14 -4.92
CA GLU A 15 9.92 -24.41 -3.49
C GLU A 15 11.34 -24.48 -2.93
N GLY A 16 12.38 -24.32 -3.76
CA GLY A 16 13.75 -24.27 -3.30
C GLY A 16 14.07 -22.89 -2.75
N SER A 17 15.35 -22.71 -2.47
CA SER A 17 15.84 -21.51 -1.79
CA SER A 17 15.85 -21.51 -1.78
C SER A 17 17.14 -21.04 -2.43
N LEU A 18 17.43 -19.76 -2.24
CA LEU A 18 18.68 -19.13 -2.62
C LEU A 18 19.01 -18.09 -1.55
N ARG A 19 20.28 -17.69 -1.49
CA ARG A 19 20.68 -16.57 -0.66
C ARG A 19 21.47 -15.60 -1.52
N LEU A 20 20.94 -14.41 -1.72
CA LEU A 20 21.65 -13.39 -2.49
C LEU A 20 22.50 -12.58 -1.55
N SER A 21 23.71 -12.26 -1.97
CA SER A 21 24.63 -11.50 -1.14
C SER A 21 25.08 -10.24 -1.88
N CYS A 22 25.08 -9.13 -1.15
CA CYS A 22 25.50 -7.84 -1.68
C CYS A 22 26.60 -7.30 -0.80
N VAL A 23 27.75 -7.01 -1.40
CA VAL A 23 28.90 -6.48 -0.67
C VAL A 23 29.17 -5.06 -1.13
N THR A 24 29.29 -4.15 -0.17
CA THR A 24 29.58 -2.75 -0.45
C THR A 24 31.05 -2.48 -0.22
N SER A 25 31.61 -1.59 -1.02
CA SER A 25 32.95 -1.10 -0.80
C SER A 25 32.97 0.38 -1.10
N GLY A 26 34.01 1.05 -0.62
CA GLY A 26 34.13 2.49 -0.76
C GLY A 26 33.63 3.23 0.47
N ARG A 27 32.95 4.37 0.24
CA ARG A 27 32.52 5.26 1.33
C ARG A 27 31.22 4.74 1.94
N ILE A 28 31.34 3.67 2.70
CA ILE A 28 30.14 3.01 3.24
C ILE A 28 29.54 3.77 4.41
N GLU A 29 30.28 4.73 4.96
CA GLU A 29 29.83 5.45 6.15
C GLU A 29 28.58 6.26 5.89
N GLY A 30 28.40 6.72 4.65
CA GLY A 30 27.24 7.51 4.29
C GLY A 30 26.02 6.73 3.83
N ILE A 31 26.07 5.40 3.83
CA ILE A 31 24.95 4.61 3.34
C ILE A 31 23.82 4.61 4.35
N LEU A 32 22.64 4.99 3.90
CA LEU A 32 21.45 5.06 4.73
C LEU A 32 20.63 3.77 4.68
N LEU A 33 20.70 3.06 3.57
CA LEU A 33 19.80 1.95 3.33
C LEU A 33 20.43 1.06 2.27
N VAL A 34 20.30 -0.25 2.44
CA VAL A 34 20.70 -1.23 1.44
C VAL A 34 19.49 -2.12 1.18
N GLY A 35 19.20 -2.36 -0.08
CA GLY A 35 18.04 -3.12 -0.44
C GLY A 35 18.30 -4.00 -1.65
N TRP A 36 17.38 -4.93 -1.82
CA TRP A 36 17.29 -5.75 -3.01
C TRP A 36 16.02 -5.37 -3.76
N TYR A 37 16.16 -5.22 -5.08
CA TYR A 37 15.14 -4.69 -5.97
C TYR A 37 14.94 -5.64 -7.15
N ARG A 38 13.69 -5.78 -7.58
CA ARG A 38 13.40 -6.49 -8.82
C ARG A 38 13.63 -5.50 -9.96
N GLN A 39 14.47 -5.90 -10.91
CA GLN A 39 14.88 -5.04 -12.01
C GLN A 39 13.75 -4.86 -13.01
N ARG A 45 12.81 -0.17 -10.84
CA ARG A 45 13.35 -1.04 -9.79
C ARG A 45 12.46 -1.01 -8.54
N ASP A 46 11.75 -2.11 -8.29
CA ASP A 46 10.78 -2.23 -7.20
C ASP A 46 11.37 -3.00 -6.03
N VAL A 47 11.22 -2.47 -4.82
CA VAL A 47 11.90 -3.04 -3.67
C VAL A 47 11.31 -4.40 -3.34
N VAL A 48 12.19 -5.33 -3.01
CA VAL A 48 11.82 -6.61 -2.43
C VAL A 48 11.97 -6.58 -0.93
N ALA A 49 13.15 -6.13 -0.45
CA ALA A 49 13.42 -5.98 0.96
C ALA A 49 14.57 -5.02 1.15
N SER A 50 14.60 -4.38 2.31
CA SER A 50 15.66 -3.42 2.59
C SER A 50 15.98 -3.42 4.07
N ILE A 51 17.19 -2.95 4.39
CA ILE A 51 17.61 -2.78 5.77
C ILE A 51 18.32 -1.44 5.91
N ASP A 52 17.96 -0.66 6.92
CA ASP A 52 18.50 0.68 7.03
C ASP A 52 19.55 0.71 8.13
N ARG A 53 20.17 1.89 8.30
CA ARG A 53 21.30 2.02 9.20
C ARG A 53 20.92 1.72 10.64
N ASN A 54 19.65 1.85 11.01
CA ASN A 54 19.20 1.46 12.34
C ASN A 54 18.80 -0.01 12.46
N GLY A 55 18.97 -0.81 11.42
CA GLY A 55 18.57 -2.20 11.45
C GLY A 55 17.11 -2.44 11.17
N ASN A 56 16.34 -1.41 10.86
CA ASN A 56 14.94 -1.62 10.49
C ASN A 56 14.85 -2.33 9.16
N THR A 57 13.98 -3.32 9.07
CA THR A 57 13.86 -4.08 7.85
C THR A 57 12.49 -3.81 7.25
N ARG A 58 12.44 -3.82 5.93
CA ARG A 58 11.19 -3.58 5.23
C ARG A 58 11.03 -4.64 4.16
N TYR A 59 9.80 -5.15 3.99
CA TYR A 59 9.54 -6.19 3.01
C TYR A 59 8.35 -5.82 2.16
N ASP A 60 8.47 -6.08 0.85
CA ASP A 60 7.31 -6.07 -0.02
C ASP A 60 6.36 -7.20 0.38
N GLY A 61 5.07 -6.98 0.14
CA GLY A 61 4.08 -8.00 0.40
C GLY A 61 4.41 -9.37 -0.19
N SER A 62 5.05 -9.42 -1.36
CA SER A 62 5.37 -10.73 -1.94
C SER A 62 6.53 -11.42 -1.24
N ALA A 63 7.36 -10.67 -0.53
CA ALA A 63 8.52 -11.22 0.15
C ALA A 63 8.20 -11.59 1.58
N GLU A 64 7.27 -10.88 2.20
CA GLU A 64 7.00 -11.07 3.62
C GLU A 64 6.63 -12.53 3.86
N GLY A 65 7.24 -13.12 4.89
CA GLY A 65 6.94 -14.49 5.28
C GLY A 65 7.76 -15.56 4.57
N ARG A 66 8.46 -15.22 3.50
CA ARG A 66 9.33 -16.17 2.79
C ARG A 66 10.77 -15.72 2.68
N PHE A 67 11.02 -14.43 2.57
CA PHE A 67 12.35 -13.89 2.41
C PHE A 67 12.76 -13.17 3.70
N THR A 68 14.07 -13.17 3.97
CA THR A 68 14.64 -12.51 5.14
C THR A 68 15.86 -11.73 4.67
N ILE A 69 15.92 -10.44 4.99
CA ILE A 69 17.12 -9.64 4.74
C ILE A 69 17.85 -9.43 6.06
N ALA A 70 19.17 -9.50 6.00
CA ALA A 70 19.97 -9.36 7.19
C ALA A 70 21.32 -8.78 6.86
N ARG A 71 21.86 -8.06 7.83
CA ARG A 71 23.21 -7.52 7.69
C ARG A 71 24.18 -8.48 8.38
N GLU A 72 25.16 -8.96 7.63
CA GLU A 72 26.13 -9.92 8.14
C GLU A 72 27.30 -9.20 8.79
N ASN A 73 27.70 -8.07 8.21
CA ASN A 73 28.76 -7.26 8.78
C ASN A 73 28.70 -5.88 8.13
N ALA A 74 29.71 -5.05 8.38
CA ALA A 74 29.66 -3.66 7.94
C ALA A 74 29.57 -3.52 6.43
N ASN A 75 29.99 -4.53 5.67
CA ASN A 75 30.00 -4.44 4.21
C ASN A 75 29.03 -5.38 3.51
N THR A 76 28.29 -6.21 4.23
CA THR A 76 27.62 -7.35 3.59
C THR A 76 26.17 -7.46 4.06
N VAL A 77 25.24 -7.53 3.10
CA VAL A 77 23.82 -7.73 3.36
C VAL A 77 23.37 -8.90 2.51
N TYR A 78 22.58 -9.80 3.09
CA TYR A 78 22.10 -10.92 2.30
C TYR A 78 20.59 -11.00 2.35
N LEU A 79 20.04 -11.63 1.33
CA LEU A 79 18.62 -11.90 1.23
C LEU A 79 18.41 -13.42 1.12
N GLN A 80 17.89 -14.01 2.18
CA GLN A 80 17.55 -15.42 2.15
C GLN A 80 16.16 -15.55 1.52
N MET A 81 16.07 -16.26 0.38
CA MET A 81 14.81 -16.43 -0.34
C MET A 81 14.35 -17.87 -0.23
N ASN A 82 13.29 -18.11 0.54
CA ASN A 82 12.75 -19.45 0.67
C ASN A 82 11.46 -19.59 -0.14
N ASN A 83 11.09 -20.85 -0.39
CA ASN A 83 9.82 -21.17 -1.04
C ASN A 83 9.63 -20.39 -2.33
N LEU A 84 10.66 -20.43 -3.17
CA LEU A 84 10.64 -19.70 -4.43
C LEU A 84 9.61 -20.30 -5.39
N ARG A 85 9.15 -19.47 -6.31
CA ARG A 85 8.15 -19.84 -7.29
C ARG A 85 8.57 -19.34 -8.65
N PRO A 86 8.06 -19.95 -9.73
CA PRO A 86 8.49 -19.51 -11.07
C PRO A 86 8.28 -18.03 -11.29
N GLU A 87 7.23 -17.46 -10.71
CA GLU A 87 6.97 -16.04 -10.90
C GLU A 87 8.05 -15.18 -10.25
N ASP A 88 8.86 -15.76 -9.38
CA ASP A 88 9.98 -15.04 -8.78
C ASP A 88 11.17 -14.92 -9.72
N SER A 89 11.17 -15.62 -10.85
CA SER A 89 12.27 -15.51 -11.79
C SER A 89 12.39 -14.06 -12.25
N ASN A 90 13.60 -13.52 -12.17
CA ASN A 90 13.82 -12.10 -12.39
C ASN A 90 15.31 -11.83 -12.26
N VAL A 91 15.72 -10.66 -12.72
CA VAL A 91 16.99 -10.10 -12.33
C VAL A 91 16.74 -9.29 -11.07
N TYR A 92 17.49 -9.60 -10.03
CA TYR A 92 17.46 -8.86 -8.78
C TYR A 92 18.72 -8.03 -8.66
N VAL A 93 18.59 -6.79 -8.19
CA VAL A 93 19.71 -5.87 -8.13
C VAL A 93 19.80 -5.29 -6.73
N CYS A 94 21.03 -5.19 -6.23
CA CYS A 94 21.25 -4.56 -4.92
C CYS A 94 21.42 -3.06 -5.12
N GLY A 95 20.81 -2.29 -4.24
CA GLY A 95 20.94 -0.85 -4.27
C GLY A 95 21.28 -0.32 -2.89
N ALA A 96 22.08 0.74 -2.88
CA ALA A 96 22.44 1.45 -1.67
C ALA A 96 22.14 2.94 -1.81
N LEU A 97 21.40 3.46 -0.84
CA LEU A 97 21.00 4.84 -0.79
C LEU A 97 21.92 5.55 0.19
N SER A 98 22.62 6.57 -0.30
CA SER A 98 23.54 7.34 0.52
C SER A 98 23.01 8.75 0.66
N SER A 99 23.68 9.51 1.51
CA SER A 99 23.45 10.93 1.63
C SER A 99 24.32 11.67 0.62
N GLY A 100 23.71 12.60 -0.12
CA GLY A 100 24.48 13.48 -0.98
C GLY A 100 24.01 13.59 -2.42
N VAL A 101 24.94 13.95 -3.32
CA VAL A 101 24.59 14.33 -4.68
C VAL A 101 24.39 13.11 -5.56
N ASN A 102 25.20 12.07 -5.38
CA ASN A 102 25.03 10.81 -6.10
C ASN A 102 24.38 9.82 -5.14
N PRO A 103 23.04 9.87 -4.97
CA PRO A 103 22.43 9.18 -3.84
C PRO A 103 22.36 7.67 -4.00
N TRP A 104 22.15 7.15 -5.21
CA TRP A 104 21.94 5.72 -5.40
C TRP A 104 23.17 5.08 -6.04
N ALA A 105 23.57 3.93 -5.52
CA ALA A 105 24.52 3.05 -6.16
C ALA A 105 23.84 1.71 -6.40
N TRP A 106 24.15 1.06 -7.52
CA TRP A 106 23.52 -0.20 -7.90
C TRP A 106 24.57 -1.26 -8.20
N GLY A 107 24.28 -2.49 -7.82
CA GLY A 107 25.06 -3.62 -8.20
C GLY A 107 24.84 -3.97 -9.66
N GLN A 108 25.52 -5.03 -10.09
CA GLN A 108 25.53 -5.43 -11.49
C GLN A 108 24.29 -6.21 -11.89
N GLY A 109 23.50 -6.66 -10.92
CA GLY A 109 22.32 -7.45 -11.17
C GLY A 109 22.60 -8.94 -11.10
N THR A 110 21.63 -9.70 -10.61
CA THR A 110 21.78 -11.14 -10.36
C THR A 110 20.56 -11.88 -10.91
N GLN A 111 20.78 -12.81 -11.83
CA GLN A 111 19.67 -13.58 -12.36
C GLN A 111 19.23 -14.67 -11.39
N VAL A 112 17.91 -14.79 -11.21
CA VAL A 112 17.28 -15.85 -10.45
C VAL A 112 16.29 -16.49 -11.38
N THR A 113 16.44 -17.79 -11.58
CA THR A 113 15.52 -18.55 -12.43
C THR A 113 14.99 -19.71 -11.62
N VAL A 114 13.67 -19.81 -11.53
CA VAL A 114 13.00 -20.83 -10.73
C VAL A 114 12.26 -21.74 -11.69
N SER A 115 12.69 -23.01 -11.75
CA SER A 115 12.09 -23.94 -12.72
C SER A 115 10.85 -24.61 -12.14
N SER A 116 9.98 -25.08 -13.04
CA SER A 116 8.74 -25.74 -12.61
C SER A 116 9.01 -27.18 -12.20
N GLN B 1 8.93 21.24 6.56
CA GLN B 1 9.81 20.19 5.99
C GLN B 1 9.42 19.84 4.53
N VAL B 2 8.13 19.77 4.23
CA VAL B 2 7.67 19.52 2.87
C VAL B 2 7.03 20.78 2.32
N LYS B 3 7.38 21.12 1.08
CA LYS B 3 6.85 22.28 0.40
C LYS B 3 6.13 21.81 -0.86
N LEU B 4 4.98 22.41 -1.14
CA LEU B 4 4.20 22.07 -2.32
C LEU B 4 3.98 23.32 -3.15
N GLU B 5 4.19 23.22 -4.45
CA GLU B 5 3.93 24.34 -5.36
C GLU B 5 2.99 23.85 -6.44
N GLU B 6 1.90 24.57 -6.63
CA GLU B 6 0.81 24.20 -7.53
C GLU B 6 0.76 25.08 -8.78
N SER B 7 0.29 24.49 -9.89
CA SER B 7 0.07 25.26 -11.11
C SER B 7 -1.05 24.58 -11.90
N GLY B 8 -1.50 25.28 -12.94
CA GLY B 8 -2.39 24.68 -13.92
C GLY B 8 -3.84 25.15 -13.85
N GLY B 9 -4.20 26.01 -12.91
CA GLY B 9 -5.57 26.49 -12.79
C GLY B 9 -5.84 27.65 -13.73
N GLY B 10 -7.02 28.25 -13.56
CA GLY B 10 -7.40 29.39 -14.35
C GLY B 10 -8.87 29.37 -14.71
N LEU B 11 -9.20 29.96 -15.84
CA LEU B 11 -10.57 30.15 -16.30
C LEU B 11 -10.79 29.27 -17.53
N VAL B 12 -11.88 28.51 -17.52
CA VAL B 12 -12.21 27.62 -18.63
C VAL B 12 -13.72 27.62 -18.81
N GLN B 13 -14.17 27.39 -20.04
CA GLN B 13 -15.59 27.29 -20.34
C GLN B 13 -16.11 25.92 -19.92
N ALA B 14 -17.41 25.86 -19.64
CA ALA B 14 -18.03 24.59 -19.27
C ALA B 14 -17.73 23.53 -20.33
N GLU B 15 -17.50 22.32 -19.85
CA GLU B 15 -17.11 21.12 -20.57
C GLU B 15 -15.64 21.15 -21.00
N GLY B 16 -14.88 22.20 -20.70
CA GLY B 16 -13.45 22.20 -20.92
C GLY B 16 -12.68 21.37 -19.89
N SER B 17 -11.37 21.30 -20.10
CA SER B 17 -10.43 20.54 -19.29
C SER B 17 -9.30 21.42 -18.76
N LEU B 18 -8.74 20.99 -17.63
CA LEU B 18 -7.56 21.59 -17.01
C LEU B 18 -6.71 20.47 -16.45
N ARG B 19 -5.43 20.76 -16.23
CA ARG B 19 -4.56 19.84 -15.48
C ARG B 19 -3.89 20.60 -14.33
N LEU B 20 -4.20 20.20 -13.11
CA LEU B 20 -3.57 20.80 -11.95
C LEU B 20 -2.35 19.95 -11.58
N SER B 21 -1.20 20.60 -11.41
CA SER B 21 0.06 19.95 -11.08
C SER B 21 0.55 20.41 -9.73
N CYS B 22 1.04 19.45 -8.95
CA CYS B 22 1.57 19.68 -7.60
C CYS B 22 2.99 19.15 -7.57
N VAL B 23 3.95 20.02 -7.24
CA VAL B 23 5.37 19.64 -7.17
C VAL B 23 5.82 19.70 -5.70
N THR B 24 6.37 18.59 -5.23
CA THR B 24 6.90 18.48 -3.88
C THR B 24 8.38 18.79 -3.85
N SER B 25 8.81 19.48 -2.78
CA SER B 25 10.21 19.70 -2.49
C SER B 25 10.41 19.59 -0.98
N GLY B 26 11.66 19.43 -0.58
CA GLY B 26 12.00 19.23 0.83
C GLY B 26 12.05 17.76 1.21
N ARG B 27 11.48 17.40 2.37
CA ARG B 27 11.60 16.03 2.90
C ARG B 27 10.61 15.08 2.23
N ILE B 28 10.77 14.93 0.91
CA ILE B 28 9.80 14.14 0.15
C ILE B 28 9.89 12.64 0.46
N GLU B 29 10.97 12.21 1.12
CA GLU B 29 11.14 10.79 1.43
C GLU B 29 10.02 10.24 2.32
N GLY B 30 9.45 11.07 3.19
CA GLY B 30 8.43 10.59 4.09
C GLY B 30 6.99 10.71 3.58
N ILE B 31 6.79 11.12 2.34
CA ILE B 31 5.44 11.36 1.83
C ILE B 31 4.79 10.02 1.51
N LEU B 32 3.65 9.77 2.13
CA LEU B 32 2.88 8.55 1.94
C LEU B 32 1.75 8.72 0.94
N LEU B 33 1.20 9.92 0.80
CA LEU B 33 0.00 10.18 0.02
C LEU B 33 -0.01 11.63 -0.41
N VAL B 34 -0.41 11.85 -1.66
CA VAL B 34 -0.61 13.18 -2.20
C VAL B 34 -2.02 13.23 -2.73
N GLY B 35 -2.72 14.32 -2.46
CA GLY B 35 -4.07 14.46 -2.95
C GLY B 35 -4.38 15.88 -3.39
N TRP B 36 -5.45 15.97 -4.17
CA TRP B 36 -6.05 17.24 -4.53
C TRP B 36 -7.38 17.38 -3.82
N TYR B 37 -7.57 18.53 -3.18
CA TYR B 37 -8.72 18.81 -2.32
C TYR B 37 -9.41 20.08 -2.77
N ARG B 38 -10.71 20.17 -2.49
CA ARG B 38 -11.47 21.37 -2.70
C ARG B 38 -11.37 22.15 -1.42
N GLN B 39 -10.87 23.38 -1.50
CA GLN B 39 -10.56 24.20 -0.33
C GLN B 39 -11.82 24.91 0.13
N GLY B 40 -12.19 24.71 1.39
CA GLY B 40 -13.35 25.36 1.96
C GLY B 40 -12.93 26.47 2.91
N LYS B 43 -9.24 25.68 6.95
CA LYS B 43 -8.65 24.33 7.01
C LYS B 43 -9.63 23.22 6.62
N GLN B 44 -10.84 23.59 6.18
CA GLN B 44 -11.82 22.63 5.67
C GLN B 44 -11.44 22.23 4.25
N ARG B 45 -11.28 20.93 4.01
CA ARG B 45 -10.79 20.45 2.71
C ARG B 45 -11.42 19.09 2.41
N ASP B 46 -12.08 18.98 1.26
CA ASP B 46 -12.73 17.75 0.83
C ASP B 46 -11.92 17.14 -0.29
N VAL B 47 -11.60 15.85 -0.18
CA VAL B 47 -10.77 15.21 -1.20
C VAL B 47 -11.51 15.11 -2.53
N VAL B 48 -10.77 15.41 -3.59
CA VAL B 48 -11.21 15.14 -4.95
C VAL B 48 -10.62 13.82 -5.44
N ALA B 49 -9.31 13.69 -5.33
CA ALA B 49 -8.65 12.44 -5.66
C ALA B 49 -7.31 12.39 -4.95
N SER B 50 -6.84 11.18 -4.68
CA SER B 50 -5.52 11.03 -4.07
C SER B 50 -4.79 9.82 -4.67
N ILE B 51 -3.48 9.82 -4.50
CA ILE B 51 -2.66 8.68 -4.92
C ILE B 51 -1.57 8.51 -3.89
N ASP B 52 -1.39 7.27 -3.41
CA ASP B 52 -0.38 7.06 -2.37
C ASP B 52 0.89 6.45 -2.92
N ARG B 53 1.85 6.23 -2.00
CA ARG B 53 3.19 5.78 -2.39
C ARG B 53 3.17 4.46 -3.12
N ASN B 54 2.18 3.63 -2.88
CA ASN B 54 2.05 2.33 -3.53
C ASN B 54 1.18 2.38 -4.77
N GLY B 55 0.75 3.56 -5.19
CA GLY B 55 -0.07 3.71 -6.38
C GLY B 55 -1.55 3.57 -6.14
N ASN B 56 -1.98 3.31 -4.88
CA ASN B 56 -3.42 3.20 -4.62
C ASN B 56 -4.10 4.54 -4.80
N THR B 57 -5.23 4.56 -5.51
CA THR B 57 -5.96 5.78 -5.74
C THR B 57 -7.32 5.81 -5.06
N ARG B 58 -7.81 7.03 -4.90
CA ARG B 58 -9.13 7.30 -4.34
C ARG B 58 -9.73 8.46 -5.08
N TYR B 59 -11.01 8.32 -5.46
CA TYR B 59 -11.76 9.35 -6.15
C TYR B 59 -13.07 9.65 -5.44
N ASP B 60 -13.36 10.92 -5.29
CA ASP B 60 -14.68 11.34 -4.91
C ASP B 60 -15.66 10.97 -6.03
N GLY B 61 -16.91 10.72 -5.64
CA GLY B 61 -17.92 10.41 -6.64
C GLY B 61 -18.03 11.44 -7.77
N SER B 62 -17.83 12.72 -7.46
CA SER B 62 -17.93 13.73 -8.49
C SER B 62 -16.75 13.72 -9.46
N ALA B 63 -15.64 13.10 -9.07
CA ALA B 63 -14.47 13.02 -9.95
C ALA B 63 -14.45 11.76 -10.76
N GLU B 64 -15.00 10.68 -10.23
CA GLU B 64 -14.91 9.38 -10.88
C GLU B 64 -15.54 9.47 -12.27
N GLY B 65 -14.81 8.96 -13.27
CA GLY B 65 -15.32 8.92 -14.62
C GLY B 65 -14.89 10.10 -15.51
N ARG B 66 -14.45 11.21 -14.93
CA ARG B 66 -14.03 12.36 -15.72
C ARG B 66 -12.72 12.99 -15.28
N PHE B 67 -12.22 12.68 -14.08
CA PHE B 67 -10.94 13.15 -13.61
C PHE B 67 -10.02 11.95 -13.43
N THR B 68 -8.71 12.19 -13.58
CA THR B 68 -7.71 11.17 -13.35
C THR B 68 -6.56 11.80 -12.58
N ILE B 69 -6.13 11.12 -11.51
CA ILE B 69 -4.93 11.52 -10.78
C ILE B 69 -3.80 10.57 -11.13
N ALA B 70 -2.59 11.13 -11.29
CA ALA B 70 -1.46 10.33 -11.70
C ALA B 70 -0.18 10.95 -11.18
N ARG B 71 0.81 10.10 -11.00
CA ARG B 71 2.16 10.54 -10.67
C ARG B 71 2.95 10.70 -11.96
N GLU B 72 3.41 11.93 -12.21
CA GLU B 72 4.20 12.24 -13.39
C GLU B 72 5.65 11.83 -13.18
N ASN B 73 6.21 12.11 -11.99
CA ASN B 73 7.56 11.70 -11.65
C ASN B 73 7.71 11.74 -10.13
N ALA B 74 8.96 11.63 -9.65
CA ALA B 74 9.18 11.49 -8.21
C ALA B 74 8.72 12.71 -7.42
N ASN B 75 8.60 13.87 -8.03
CA ASN B 75 8.20 15.06 -7.32
C ASN B 75 6.86 15.62 -7.77
N THR B 76 6.16 14.98 -8.69
CA THR B 76 5.04 15.64 -9.35
C THR B 76 3.83 14.72 -9.47
N VAL B 77 2.67 15.22 -9.05
CA VAL B 77 1.39 14.54 -9.11
C VAL B 77 0.43 15.52 -9.78
N TYR B 78 -0.32 15.05 -10.75
CA TYR B 78 -1.28 15.92 -11.40
C TYR B 78 -2.69 15.33 -11.36
N LEU B 79 -3.67 16.23 -11.47
CA LEU B 79 -5.07 15.89 -11.59
C LEU B 79 -5.56 16.40 -12.95
N GLN B 80 -5.81 15.48 -13.88
CA GLN B 80 -6.46 15.82 -15.13
C GLN B 80 -7.95 15.96 -14.87
N MET B 81 -8.51 17.15 -15.13
CA MET B 81 -9.93 17.41 -14.90
C MET B 81 -10.62 17.64 -16.24
N ASN B 82 -11.47 16.71 -16.62
CA ASN B 82 -12.25 16.83 -17.85
C ASN B 82 -13.70 17.17 -17.53
N ASN B 83 -14.41 17.63 -18.57
CA ASN B 83 -15.86 17.82 -18.50
C ASN B 83 -16.23 18.71 -17.33
N LEU B 84 -15.50 19.81 -17.16
CA LEU B 84 -15.73 20.72 -16.04
C LEU B 84 -17.07 21.45 -16.17
N ARG B 85 -17.67 21.73 -15.03
CA ARG B 85 -18.97 22.37 -14.94
C ARG B 85 -18.87 23.57 -14.01
N PRO B 86 -19.81 24.52 -14.10
CA PRO B 86 -19.71 25.72 -13.26
C PRO B 86 -19.62 25.38 -11.78
N GLU B 87 -20.29 24.33 -11.32
CA GLU B 87 -20.21 23.99 -9.90
C GLU B 87 -18.84 23.47 -9.48
N ASP B 88 -17.95 23.15 -10.42
CA ASP B 88 -16.57 22.82 -10.07
C ASP B 88 -15.71 24.04 -9.72
N SER B 89 -16.19 25.26 -10.00
CA SER B 89 -15.44 26.45 -9.63
C SER B 89 -15.10 26.44 -8.16
N ASN B 90 -13.83 26.60 -7.84
CA ASN B 90 -13.38 26.45 -6.46
C ASN B 90 -11.88 26.78 -6.39
N VAL B 91 -11.39 26.96 -5.19
CA VAL B 91 -9.96 26.87 -4.94
C VAL B 91 -9.63 25.40 -4.67
N TYR B 92 -8.65 24.88 -5.41
CA TYR B 92 -8.19 23.52 -5.26
C TYR B 92 -6.82 23.57 -4.59
N VAL B 93 -6.55 22.64 -3.69
CA VAL B 93 -5.28 22.69 -2.97
C VAL B 93 -4.69 21.29 -2.93
N CYS B 94 -3.37 21.22 -3.06
CA CYS B 94 -2.64 19.97 -2.99
C CYS B 94 -2.21 19.74 -1.56
N GLY B 95 -2.41 18.52 -1.08
CA GLY B 95 -1.95 18.14 0.26
C GLY B 95 -1.08 16.91 0.20
N ALA B 96 -0.09 16.88 1.08
CA ALA B 96 0.79 15.73 1.20
C ALA B 96 0.77 15.24 2.64
N LEU B 97 0.55 13.94 2.80
CA LEU B 97 0.50 13.30 4.11
C LEU B 97 1.79 12.52 4.31
N SER B 98 2.50 12.80 5.39
CA SER B 98 3.80 12.21 5.66
C SER B 98 3.80 11.46 6.97
N SER B 99 4.76 10.58 7.11
CA SER B 99 5.09 10.03 8.40
C SER B 99 5.80 11.09 9.23
N GLY B 100 5.75 10.92 10.52
CA GLY B 100 6.42 11.84 11.42
C GLY B 100 5.42 12.72 12.15
N VAL B 101 5.97 13.73 12.82
CA VAL B 101 5.21 14.49 13.79
C VAL B 101 4.37 15.61 13.18
N ASN B 102 4.68 16.05 11.95
CA ASN B 102 3.84 17.01 11.23
C ASN B 102 3.25 16.29 10.03
N PRO B 103 2.06 15.70 10.16
CA PRO B 103 1.59 14.80 9.09
C PRO B 103 1.26 15.50 7.78
N TRP B 104 0.57 16.65 7.80
CA TRP B 104 0.04 17.25 6.57
C TRP B 104 0.82 18.50 6.18
N ALA B 105 1.11 18.61 4.89
CA ALA B 105 1.61 19.83 4.28
C ALA B 105 0.63 20.23 3.20
N TRP B 106 0.49 21.55 2.97
CA TRP B 106 -0.48 22.06 2.00
C TRP B 106 0.16 23.06 1.05
N GLY B 107 -0.31 23.05 -0.20
CA GLY B 107 0.13 23.99 -1.20
C GLY B 107 -0.59 25.31 -1.03
N GLN B 108 -0.30 26.26 -1.93
CA GLN B 108 -0.84 27.61 -1.84
C GLN B 108 -2.32 27.68 -2.23
N GLY B 109 -2.81 26.69 -2.96
CA GLY B 109 -4.15 26.75 -3.50
C GLY B 109 -4.14 27.34 -4.90
N THR B 110 -5.05 26.85 -5.75
CA THR B 110 -5.12 27.13 -7.18
C THR B 110 -6.58 27.41 -7.53
N GLN B 111 -6.88 28.61 -8.04
CA GLN B 111 -8.24 28.92 -8.42
C GLN B 111 -8.62 28.28 -9.76
N VAL B 112 -9.81 27.69 -9.81
CA VAL B 112 -10.42 27.14 -11.01
C VAL B 112 -11.77 27.82 -11.15
N THR B 113 -11.99 28.48 -12.28
CA THR B 113 -13.27 29.13 -12.51
C THR B 113 -13.82 28.63 -13.83
N VAL B 114 -15.03 28.10 -13.81
CA VAL B 114 -15.63 27.47 -14.98
C VAL B 114 -16.82 28.32 -15.38
N SER B 115 -16.74 28.92 -16.57
CA SER B 115 -17.77 29.81 -17.07
C SER B 115 -18.86 29.01 -17.79
N SER B 116 -20.02 29.65 -17.97
CA SER B 116 -21.20 28.94 -18.49
C SER B 116 -21.03 28.48 -19.94
N GLN C 1 -28.65 -12.75 3.68
CA GLN C 1 -29.29 -11.39 3.61
C GLN C 1 -29.00 -10.68 2.28
N VAL C 2 -27.75 -10.76 1.83
CA VAL C 2 -27.34 -10.25 0.53
C VAL C 2 -26.76 -11.41 -0.27
N LYS C 3 -27.11 -11.49 -1.56
CA LYS C 3 -26.56 -12.49 -2.48
C LYS C 3 -25.87 -11.77 -3.63
N LEU C 4 -24.75 -12.32 -4.10
CA LEU C 4 -23.93 -11.73 -5.14
C LEU C 4 -23.77 -12.76 -6.24
N GLU C 5 -24.06 -12.37 -7.48
CA GLU C 5 -23.96 -13.24 -8.63
C GLU C 5 -23.01 -12.58 -9.63
N GLU C 6 -21.94 -13.27 -9.97
CA GLU C 6 -20.88 -12.73 -10.82
C GLU C 6 -20.98 -13.27 -12.23
N SER C 7 -20.57 -12.45 -13.19
CA SER C 7 -20.46 -12.93 -14.56
C SER C 7 -19.40 -12.10 -15.29
N GLY C 8 -19.05 -12.57 -16.49
CA GLY C 8 -18.18 -11.80 -17.34
C GLY C 8 -16.71 -12.21 -17.40
N GLY C 9 -16.34 -13.30 -16.80
CA GLY C 9 -14.93 -13.65 -16.82
C GLY C 9 -14.56 -14.35 -18.12
N GLY C 10 -13.41 -15.02 -18.08
CA GLY C 10 -13.02 -15.94 -19.13
C GLY C 10 -11.66 -15.60 -19.69
N LEU C 11 -11.45 -15.98 -20.96
CA LEU C 11 -10.17 -15.88 -21.62
C LEU C 11 -10.12 -14.56 -22.40
N VAL C 12 -8.98 -13.90 -22.35
CA VAL C 12 -8.77 -12.67 -23.10
C VAL C 12 -7.32 -12.68 -23.54
N GLN C 13 -7.06 -12.05 -24.68
CA GLN C 13 -5.69 -11.90 -25.16
C GLN C 13 -4.99 -10.75 -24.43
N ALA C 14 -3.66 -10.81 -24.43
CA ALA C 14 -2.86 -9.77 -23.81
C ALA C 14 -3.17 -8.41 -24.43
N GLU C 15 -3.22 -7.40 -23.56
CA GLU C 15 -3.60 -6.01 -23.85
C GLU C 15 -5.09 -5.85 -24.07
N GLY C 16 -5.87 -6.93 -23.96
CA GLY C 16 -7.30 -6.83 -24.09
C GLY C 16 -7.98 -6.37 -22.84
N SER C 17 -9.30 -6.32 -22.93
CA SER C 17 -10.18 -5.85 -21.87
C SER C 17 -11.24 -6.89 -21.54
N LEU C 18 -11.75 -6.79 -20.31
CA LEU C 18 -12.84 -7.64 -19.86
C LEU C 18 -13.67 -6.84 -18.88
N ARG C 19 -14.98 -7.07 -18.85
CA ARG C 19 -15.83 -6.42 -17.84
C ARG C 19 -16.47 -7.49 -16.95
N LEU C 20 -16.22 -7.40 -15.65
CA LEU C 20 -16.77 -8.30 -14.65
C LEU C 20 -17.99 -7.63 -14.04
N SER C 21 -19.10 -8.34 -13.98
CA SER C 21 -20.33 -7.79 -13.41
C SER C 21 -20.68 -8.51 -12.13
N CYS C 22 -21.09 -7.73 -11.14
CA CYS C 22 -21.53 -8.27 -9.85
C CYS C 22 -22.97 -7.81 -9.61
N VAL C 23 -23.91 -8.74 -9.61
CA VAL C 23 -25.32 -8.41 -9.43
C VAL C 23 -25.72 -8.77 -8.00
N THR C 24 -26.06 -7.74 -7.22
CA THR C 24 -26.42 -7.89 -5.82
C THR C 24 -27.93 -7.96 -5.68
N SER C 25 -28.39 -8.77 -4.74
CA SER C 25 -29.81 -8.91 -4.48
C SER C 25 -30.01 -9.15 -2.99
N GLY C 26 -31.25 -9.00 -2.58
CA GLY C 26 -31.61 -9.11 -1.17
C GLY C 26 -31.67 -7.73 -0.52
N ARG C 27 -31.06 -7.60 0.66
CA ARG C 27 -31.14 -6.37 1.45
C ARG C 27 -30.09 -5.37 0.95
N ILE C 28 -30.28 -4.93 -0.29
CA ILE C 28 -29.24 -4.13 -0.93
C ILE C 28 -29.16 -2.74 -0.31
N GLU C 29 -30.24 -2.29 0.31
CA GLU C 29 -30.26 -0.99 0.97
C GLU C 29 -29.26 -0.91 2.11
N GLY C 30 -28.86 -2.03 2.67
CA GLY C 30 -27.88 -2.00 3.73
C GLY C 30 -26.44 -2.13 3.27
N ILE C 31 -26.17 -2.23 1.98
CA ILE C 31 -24.80 -2.38 1.49
C ILE C 31 -24.07 -1.05 1.57
N LEU C 32 -22.90 -1.07 2.21
CA LEU C 32 -22.06 0.10 2.35
C LEU C 32 -21.04 0.22 1.26
N LEU C 33 -20.55 -0.93 0.76
CA LEU C 33 -19.40 -0.97 -0.12
C LEU C 33 -19.51 -2.23 -0.96
N VAL C 34 -19.18 -2.12 -2.24
CA VAL C 34 -19.07 -3.27 -3.14
C VAL C 34 -17.67 -3.22 -3.73
N GLY C 35 -16.99 -4.36 -3.73
CA GLY C 35 -15.66 -4.40 -4.29
C GLY C 35 -15.40 -5.66 -5.06
N TRP C 36 -14.37 -5.59 -5.86
CA TRP C 36 -13.79 -6.72 -6.53
C TRP C 36 -12.42 -6.99 -5.93
N TYR C 37 -12.18 -8.26 -5.63
CA TYR C 37 -11.00 -8.73 -4.90
C TYR C 37 -10.32 -9.82 -5.71
N ARG C 38 -9.00 -9.89 -5.56
CA ARG C 38 -8.19 -10.92 -6.18
C ARG C 38 -8.04 -12.03 -5.16
N GLN C 39 -8.44 -13.24 -5.56
CA GLN C 39 -8.55 -14.41 -4.67
C GLN C 39 -7.20 -15.12 -4.42
N ARG C 45 -7.94 -12.65 0.15
CA ARG C 45 -8.61 -11.74 -0.79
C ARG C 45 -8.12 -10.30 -0.69
N ASP C 46 -7.49 -9.79 -1.74
CA ASP C 46 -6.91 -8.45 -1.77
C ASP C 46 -7.76 -7.57 -2.68
N VAL C 47 -8.19 -6.40 -2.18
CA VAL C 47 -9.08 -5.57 -2.99
C VAL C 47 -8.35 -5.05 -4.21
N VAL C 48 -9.06 -5.03 -5.32
CA VAL C 48 -8.64 -4.39 -6.57
C VAL C 48 -9.32 -3.06 -6.77
N ALA C 49 -10.64 -3.01 -6.55
CA ALA C 49 -11.40 -1.78 -6.74
C ALA C 49 -12.66 -1.87 -5.88
N SER C 50 -13.12 -0.73 -5.39
CA SER C 50 -14.32 -0.67 -4.58
C SER C 50 -15.09 0.62 -4.84
N ILE C 51 -16.39 0.54 -4.60
CA ILE C 51 -17.27 1.70 -4.74
C ILE C 51 -18.24 1.74 -3.57
N ASP C 52 -18.36 2.90 -2.94
CA ASP C 52 -19.25 2.99 -1.80
C ASP C 52 -20.60 3.61 -2.18
N ARG C 53 -21.47 3.77 -1.16
CA ARG C 53 -22.84 4.17 -1.44
C ARG C 53 -22.95 5.60 -1.96
N ASN C 54 -21.92 6.41 -1.81
CA ASN C 54 -21.90 7.75 -2.37
C ASN C 54 -21.13 7.82 -3.68
N GLY C 55 -20.74 6.67 -4.23
CA GLY C 55 -20.01 6.65 -5.47
C GLY C 55 -18.53 6.93 -5.37
N ASN C 56 -17.99 7.03 -4.17
CA ASN C 56 -16.54 7.19 -4.03
C ASN C 56 -15.84 5.87 -4.33
N THR C 57 -14.75 5.95 -5.09
CA THR C 57 -14.07 4.74 -5.53
C THR C 57 -12.65 4.72 -5.01
N ARG C 58 -12.12 3.51 -4.90
CA ARG C 58 -10.75 3.28 -4.50
C ARG C 58 -10.20 2.20 -5.40
N TYR C 59 -8.97 2.38 -5.88
CA TYR C 59 -8.30 1.37 -6.69
C TYR C 59 -6.95 1.01 -6.10
N ASP C 60 -6.65 -0.28 -6.10
CA ASP C 60 -5.32 -0.73 -5.73
C ASP C 60 -4.28 -0.25 -6.74
N GLY C 61 -3.04 -0.07 -6.26
CA GLY C 61 -1.96 0.29 -7.16
C GLY C 61 -1.74 -0.72 -8.27
N SER C 62 -2.13 -1.98 -8.04
CA SER C 62 -1.95 -2.99 -9.07
C SER C 62 -2.87 -2.76 -10.27
N ALA C 63 -3.90 -1.93 -10.13
CA ALA C 63 -4.69 -1.58 -11.30
C ALA C 63 -3.90 -0.73 -12.28
N GLU C 64 -2.87 -0.01 -11.80
CA GLU C 64 -2.05 0.89 -12.61
C GLU C 64 -2.89 1.87 -13.43
N GLY C 65 -4.02 2.31 -12.85
CA GLY C 65 -4.91 3.24 -13.53
C GLY C 65 -5.60 2.67 -14.77
N ARG C 66 -5.65 1.34 -14.91
CA ARG C 66 -6.22 0.68 -16.08
C ARG C 66 -7.70 0.34 -15.92
N PHE C 67 -8.22 0.45 -14.70
CA PHE C 67 -9.52 -0.11 -14.37
C PHE C 67 -10.51 0.98 -13.96
N THR C 68 -11.79 0.69 -14.19
CA THR C 68 -12.90 1.50 -13.71
C THR C 68 -13.92 0.61 -13.03
N ILE C 69 -14.36 1.01 -11.85
CA ILE C 69 -15.49 0.37 -11.18
C ILE C 69 -16.65 1.35 -11.18
N ALA C 70 -17.82 0.85 -11.55
CA ALA C 70 -18.95 1.73 -11.70
C ALA C 70 -20.21 0.97 -11.34
N ARG C 71 -21.23 1.73 -10.92
CA ARG C 71 -22.54 1.21 -10.57
C ARG C 71 -23.46 1.41 -11.75
N GLU C 72 -23.95 0.32 -12.29
CA GLU C 72 -24.90 0.35 -13.40
C GLU C 72 -26.30 0.70 -12.94
N ASN C 73 -26.74 0.17 -11.81
CA ASN C 73 -28.07 0.44 -11.30
C ASN C 73 -28.06 0.04 -9.84
N ALA C 74 -29.24 0.00 -9.21
CA ALA C 74 -29.27 -0.27 -7.78
C ALA C 74 -28.73 -1.65 -7.44
N ASN C 75 -28.78 -2.61 -8.38
CA ASN C 75 -28.32 -3.97 -8.12
C ASN C 75 -26.87 -4.24 -8.55
N THR C 76 -26.38 -3.59 -9.60
CA THR C 76 -25.23 -4.10 -10.34
C THR C 76 -24.06 -3.13 -10.32
N VAL C 77 -22.88 -3.69 -10.06
CA VAL C 77 -21.60 -2.99 -10.07
C VAL C 77 -20.68 -3.75 -11.02
N TYR C 78 -20.00 -3.04 -11.92
CA TYR C 78 -19.07 -3.73 -12.79
C TYR C 78 -17.66 -3.18 -12.62
N LEU C 79 -16.69 -4.02 -12.98
CA LEU C 79 -15.28 -3.66 -13.05
C LEU C 79 -14.85 -3.80 -14.51
N GLN C 80 -14.50 -2.70 -15.11
CA GLN C 80 -13.93 -2.71 -16.45
C GLN C 80 -12.43 -2.77 -16.32
N MET C 81 -11.84 -3.86 -16.80
CA MET C 81 -10.41 -4.05 -16.81
C MET C 81 -9.89 -3.85 -18.22
N ASN C 82 -8.88 -3.03 -18.34
CA ASN C 82 -8.24 -2.74 -19.62
C ASN C 82 -6.77 -3.09 -19.59
N ASN C 83 -6.22 -3.28 -20.79
CA ASN C 83 -4.78 -3.46 -20.96
C ASN C 83 -4.25 -4.56 -20.05
N LEU C 84 -4.97 -5.69 -20.08
CA LEU C 84 -4.62 -6.83 -19.25
C LEU C 84 -3.35 -7.53 -19.70
N ARG C 85 -2.65 -8.11 -18.75
CA ARG C 85 -1.42 -8.84 -18.98
C ARG C 85 -1.53 -10.22 -18.35
N PRO C 86 -0.69 -11.17 -18.76
CA PRO C 86 -0.74 -12.51 -18.16
C PRO C 86 -0.70 -12.51 -16.64
N GLU C 87 0.07 -11.61 -16.03
CA GLU C 87 0.16 -11.55 -14.57
C GLU C 87 -1.17 -11.22 -13.91
N ASP C 88 -2.12 -10.65 -14.65
CA ASP C 88 -3.45 -10.34 -14.14
C ASP C 88 -4.35 -11.57 -14.05
N SER C 89 -3.93 -12.71 -14.61
CA SER C 89 -4.72 -13.92 -14.53
C SER C 89 -4.93 -14.32 -13.07
N ASN C 90 -6.18 -14.61 -12.72
CA ASN C 90 -6.51 -14.85 -11.32
C ASN C 90 -8.00 -15.17 -11.23
N VAL C 91 -8.41 -15.61 -10.05
CA VAL C 91 -9.82 -15.64 -9.69
C VAL C 91 -10.13 -14.31 -9.03
N TYR C 92 -11.12 -13.60 -9.57
CA TYR C 92 -11.60 -12.35 -9.01
C TYR C 92 -12.95 -12.59 -8.36
N VAL C 93 -13.20 -12.00 -7.21
CA VAL C 93 -14.41 -12.28 -6.45
C VAL C 93 -15.01 -10.96 -6.00
N CYS C 94 -16.33 -10.86 -6.12
CA CYS C 94 -17.09 -9.70 -5.68
C CYS C 94 -17.43 -9.87 -4.21
N GLY C 95 -17.29 -8.79 -3.46
CA GLY C 95 -17.67 -8.78 -2.06
C GLY C 95 -18.47 -7.55 -1.74
N ALA C 96 -19.40 -7.70 -0.81
CA ALA C 96 -20.22 -6.59 -0.38
C ALA C 96 -20.21 -6.51 1.14
N LEU C 97 -19.96 -5.31 1.62
CA LEU C 97 -19.94 -4.99 3.05
C LEU C 97 -21.24 -4.29 3.41
N SER C 98 -21.95 -4.83 4.39
CA SER C 98 -23.19 -4.27 4.90
C SER C 98 -23.01 -3.85 6.35
N SER C 99 -23.99 -3.14 6.84
CA SER C 99 -24.06 -2.84 8.26
C SER C 99 -24.69 -4.05 8.95
N GLY C 100 -24.35 -4.27 10.21
CA GLY C 100 -25.00 -5.31 11.00
C GLY C 100 -24.10 -6.48 11.32
N VAL C 101 -24.74 -7.59 11.69
CA VAL C 101 -24.06 -8.71 12.35
C VAL C 101 -23.29 -9.57 11.36
N ASN C 102 -23.89 -9.93 10.22
CA ASN C 102 -23.19 -10.72 9.21
C ASN C 102 -22.71 -9.79 8.11
N PRO C 103 -21.60 -9.07 8.32
CA PRO C 103 -21.33 -7.90 7.48
C PRO C 103 -20.93 -8.20 6.05
N TRP C 104 -20.27 -9.32 5.78
CA TRP C 104 -19.66 -9.56 4.48
C TRP C 104 -20.43 -10.61 3.71
N ALA C 105 -20.68 -10.33 2.43
CA ALA C 105 -21.22 -11.31 1.51
C ALA C 105 -20.23 -11.45 0.36
N TRP C 106 -20.12 -12.65 -0.20
CA TRP C 106 -19.16 -12.94 -1.27
C TRP C 106 -19.84 -13.66 -2.43
N GLY C 107 -19.40 -13.35 -3.64
CA GLY C 107 -19.76 -14.14 -4.79
C GLY C 107 -18.96 -15.41 -4.88
N GLN C 108 -19.16 -16.14 -5.99
CA GLN C 108 -18.53 -17.45 -6.17
C GLN C 108 -17.13 -17.35 -6.76
N GLY C 109 -16.73 -16.21 -7.27
CA GLY C 109 -15.43 -16.11 -7.90
C GLY C 109 -15.52 -16.33 -9.40
N THR C 110 -14.74 -15.55 -10.15
CA THR C 110 -14.75 -15.56 -11.61
C THR C 110 -13.32 -15.69 -12.09
N GLN C 111 -13.04 -16.70 -12.90
CA GLN C 111 -11.71 -16.87 -13.45
C GLN C 111 -11.47 -15.91 -14.60
N VAL C 112 -10.34 -15.20 -14.54
CA VAL C 112 -9.84 -14.37 -15.63
C VAL C 112 -8.49 -14.96 -16.05
N THR C 113 -8.36 -15.29 -17.35
CA THR C 113 -7.12 -15.85 -17.87
C THR C 113 -6.66 -14.99 -19.04
N VAL C 114 -5.45 -14.45 -18.93
CA VAL C 114 -4.89 -13.56 -19.94
C VAL C 114 -3.74 -14.31 -20.61
N SER C 115 -3.85 -14.50 -21.91
CA SER C 115 -2.87 -15.25 -22.67
C SER C 115 -1.87 -14.29 -23.29
N SER C 116 -0.69 -14.84 -23.64
CA SER C 116 0.28 -14.10 -24.44
C SER C 116 -0.14 -14.07 -25.90
N GLN D 1 -12.98 8.68 14.03
CA GLN D 1 -13.70 7.80 13.06
C GLN D 1 -13.11 6.39 13.02
N VAL D 2 -11.78 6.22 13.09
CA VAL D 2 -11.20 4.90 13.28
C VAL D 2 -11.04 4.63 14.77
N LYS D 3 -11.47 3.45 15.21
CA LYS D 3 -11.30 3.00 16.59
C LYS D 3 -10.51 1.70 16.60
N LEU D 4 -9.65 1.56 17.61
CA LEU D 4 -8.73 0.43 17.70
C LEU D 4 -8.95 -0.24 19.05
N GLU D 5 -9.06 -1.56 19.04
CA GLU D 5 -9.26 -2.34 20.27
C GLU D 5 -8.24 -3.46 20.29
N GLU D 6 -7.40 -3.47 21.32
CA GLU D 6 -6.26 -4.38 21.41
C GLU D 6 -6.56 -5.56 22.34
N SER D 7 -5.91 -6.68 22.08
CA SER D 7 -5.97 -7.83 22.99
C SER D 7 -4.64 -8.58 22.89
N GLY D 8 -4.48 -9.56 23.77
CA GLY D 8 -3.37 -10.48 23.68
C GLY D 8 -2.18 -10.18 24.55
N GLY D 9 -2.28 -9.23 25.43
CA GLY D 9 -1.15 -8.97 26.29
C GLY D 9 -1.01 -10.02 27.39
N GLY D 10 0.19 -10.13 27.93
CA GLY D 10 0.34 -10.97 29.09
C GLY D 10 1.77 -11.14 29.56
N LEU D 11 1.93 -12.22 30.32
CA LEU D 11 3.10 -12.55 31.11
C LEU D 11 3.62 -13.85 30.54
N VAL D 12 4.90 -13.90 30.18
CA VAL D 12 5.50 -15.09 29.59
C VAL D 12 6.90 -15.29 30.16
N GLN D 13 7.35 -16.54 30.18
CA GLN D 13 8.72 -16.85 30.54
C GLN D 13 9.64 -16.49 29.39
N ALA D 14 10.90 -16.24 29.72
CA ALA D 14 11.91 -15.98 28.72
C ALA D 14 11.93 -17.10 27.69
N GLU D 15 12.08 -16.71 26.43
CA GLU D 15 12.04 -17.54 25.23
C GLU D 15 10.62 -17.98 24.86
N GLY D 16 9.59 -17.57 25.59
CA GLY D 16 8.22 -17.84 25.23
C GLY D 16 7.72 -16.93 24.12
N SER D 17 6.42 -17.08 23.80
CA SER D 17 5.75 -16.40 22.70
C SER D 17 4.47 -15.75 23.17
N LEU D 18 4.06 -14.68 22.49
CA LEU D 18 2.77 -14.05 22.69
C LEU D 18 2.27 -13.57 21.35
N ARG D 19 0.95 -13.40 21.21
CA ARG D 19 0.39 -12.79 20.01
C ARG D 19 -0.50 -11.62 20.41
N LEU D 20 -0.15 -10.42 19.95
CA LEU D 20 -0.97 -9.24 20.13
C LEU D 20 -1.92 -9.11 18.96
N SER D 21 -3.13 -8.63 19.23
CA SER D 21 -4.09 -8.40 18.17
C SER D 21 -4.72 -7.02 18.28
N CYS D 22 -5.00 -6.44 17.13
CA CYS D 22 -5.60 -5.11 17.00
C CYS D 22 -6.79 -5.21 16.07
N VAL D 23 -7.96 -4.81 16.53
CA VAL D 23 -9.17 -4.83 15.70
C VAL D 23 -9.54 -3.39 15.38
N THR D 24 -9.73 -3.10 14.09
CA THR D 24 -10.07 -1.76 13.65
C THR D 24 -11.54 -1.72 13.33
N SER D 25 -12.22 -0.69 13.80
CA SER D 25 -13.62 -0.48 13.50
C SER D 25 -13.81 0.96 13.05
N GLY D 26 -14.97 1.22 12.46
CA GLY D 26 -15.30 2.57 12.02
C GLY D 26 -14.98 2.76 10.55
N ARG D 27 -14.58 3.97 10.21
CA ARG D 27 -14.30 4.28 8.81
C ARG D 27 -12.91 3.78 8.50
N ILE D 28 -12.79 2.51 8.11
CA ILE D 28 -11.50 1.86 7.99
C ILE D 28 -11.04 1.68 6.55
N GLU D 29 -11.87 2.04 5.56
CA GLU D 29 -11.44 1.76 4.20
C GLU D 29 -10.27 2.63 3.78
N GLY D 30 -10.11 3.77 4.43
CA GLY D 30 -9.01 4.66 4.15
C GLY D 30 -7.80 4.43 5.04
N ILE D 31 -7.69 3.29 5.72
CA ILE D 31 -6.51 3.07 6.55
C ILE D 31 -5.35 2.75 5.63
N LEU D 32 -4.24 3.47 5.80
CA LEU D 32 -3.03 3.25 5.01
C LEU D 32 -2.14 2.17 5.62
N LEU D 33 -2.02 2.16 6.95
CA LEU D 33 -1.22 1.15 7.62
C LEU D 33 -1.67 1.02 9.06
N VAL D 34 -1.36 -0.15 9.60
CA VAL D 34 -1.58 -0.49 11.01
C VAL D 34 -0.28 -0.99 11.59
N GLY D 35 -0.01 -0.65 12.84
CA GLY D 35 1.24 -1.12 13.42
C GLY D 35 1.16 -1.12 14.92
N TRP D 36 2.20 -1.72 15.51
CA TRP D 36 2.43 -1.68 16.95
C TRP D 36 3.62 -0.79 17.25
N TYR D 37 3.46 0.03 18.30
CA TYR D 37 4.38 1.10 18.64
C TYR D 37 4.72 1.04 20.12
N ARG D 38 5.91 1.53 20.46
CA ARG D 38 6.32 1.71 21.83
C ARG D 38 6.58 3.19 22.06
N GLN D 39 6.26 3.66 23.25
CA GLN D 39 6.34 5.09 23.54
C GLN D 39 7.79 5.51 23.60
N ARG D 45 6.20 8.11 19.10
CA ARG D 45 5.87 6.68 19.06
C ARG D 45 6.76 5.94 18.05
N ASP D 46 7.52 4.95 18.54
CA ASP D 46 8.51 4.21 17.74
C ASP D 46 7.94 2.89 17.22
N VAL D 47 8.03 2.66 15.93
CA VAL D 47 7.33 1.52 15.35
C VAL D 47 8.09 0.24 15.66
N VAL D 48 7.37 -0.74 16.20
CA VAL D 48 7.87 -2.10 16.39
C VAL D 48 7.68 -2.90 15.12
N ALA D 49 6.47 -2.87 14.59
CA ALA D 49 6.16 -3.55 13.33
C ALA D 49 4.97 -2.84 12.72
N SER D 50 4.91 -2.81 11.40
CA SER D 50 3.74 -2.26 10.74
C SER D 50 3.47 -3.04 9.45
N ILE D 51 2.21 -2.97 9.02
CA ILE D 51 1.79 -3.56 7.75
C ILE D 51 0.88 -2.56 7.05
N ASP D 52 1.20 -2.28 5.79
CA ASP D 52 0.35 -1.35 5.07
C ASP D 52 -0.77 -2.06 4.27
N ARG D 53 -1.59 -1.25 3.63
CA ARG D 53 -2.78 -1.80 3.02
C ARG D 53 -2.46 -2.70 1.82
N ASN D 54 -1.20 -2.74 1.36
CA ASN D 54 -0.77 -3.63 0.30
C ASN D 54 0.01 -4.80 0.83
N GLY D 55 0.09 -4.93 2.14
CA GLY D 55 0.81 -6.02 2.76
C GLY D 55 2.29 -5.80 2.94
N ASN D 56 2.81 -4.61 2.66
CA ASN D 56 4.23 -4.33 2.85
C ASN D 56 4.50 -4.11 4.34
N THR D 57 5.55 -4.73 4.84
CA THR D 57 5.83 -4.72 6.28
C THR D 57 7.12 -3.96 6.62
N ARG D 58 7.20 -3.58 7.90
CA ARG D 58 8.36 -2.94 8.47
C ARG D 58 8.54 -3.50 9.85
N TYR D 59 9.79 -3.78 10.23
CA TYR D 59 10.15 -4.24 11.57
C TYR D 59 11.30 -3.43 12.14
N ASP D 60 11.22 -3.13 13.43
CA ASP D 60 12.33 -2.52 14.14
C ASP D 60 13.49 -3.48 14.20
N GLY D 61 14.69 -2.89 14.34
CA GLY D 61 15.89 -3.67 14.50
C GLY D 61 15.81 -4.64 15.66
N SER D 62 15.08 -4.28 16.72
CA SER D 62 14.99 -5.17 17.88
C SER D 62 14.19 -6.44 17.61
N ALA D 63 13.31 -6.47 16.61
CA ALA D 63 12.65 -7.74 16.29
C ALA D 63 13.67 -8.84 15.98
N GLU D 64 14.73 -8.51 15.25
CA GLU D 64 15.74 -9.52 14.94
C GLU D 64 15.09 -10.79 14.39
N GLY D 65 14.10 -10.63 13.53
CA GLY D 65 13.53 -11.78 12.86
C GLY D 65 12.59 -12.63 13.67
N ARG D 66 12.31 -12.24 14.91
CA ARG D 66 11.49 -12.99 15.86
C ARG D 66 10.00 -12.68 15.75
N PHE D 67 9.66 -11.55 15.13
CA PHE D 67 8.29 -11.06 15.11
C PHE D 67 7.70 -11.15 13.71
N THR D 68 6.40 -11.38 13.65
CA THR D 68 5.67 -11.44 12.39
C THR D 68 4.43 -10.60 12.56
N ILE D 69 4.24 -9.63 11.68
CA ILE D 69 2.99 -8.87 11.66
C ILE D 69 2.20 -9.34 10.45
N ALA D 70 0.92 -9.60 10.66
CA ALA D 70 0.11 -10.11 9.57
C ALA D 70 -1.36 -9.71 9.74
N ARG D 71 -2.06 -9.74 8.62
CA ARG D 71 -3.48 -9.43 8.63
C ARG D 71 -4.26 -10.73 8.74
N GLU D 72 -5.11 -10.83 9.76
CA GLU D 72 -5.96 -12.00 9.98
C GLU D 72 -7.23 -11.94 9.15
N ASN D 73 -7.82 -10.76 9.03
CA ASN D 73 -9.01 -10.57 8.23
C ASN D 73 -9.13 -9.08 7.99
N ALA D 74 -10.27 -8.67 7.43
CA ALA D 74 -10.43 -7.28 7.00
C ALA D 74 -10.30 -6.27 8.14
N ASN D 75 -10.54 -6.63 9.38
CA ASN D 75 -10.31 -5.59 10.39
C ASN D 75 -9.42 -6.04 11.53
N THR D 76 -8.62 -7.09 11.34
CA THR D 76 -7.78 -7.59 12.42
C THR D 76 -6.34 -7.76 11.95
N VAL D 77 -5.42 -7.22 12.71
CA VAL D 77 -3.97 -7.35 12.49
C VAL D 77 -3.38 -7.96 13.75
N TYR D 78 -2.43 -8.86 13.59
CA TYR D 78 -1.77 -9.38 14.76
C TYR D 78 -0.26 -9.29 14.65
N LEU D 79 0.37 -9.31 15.80
CA LEU D 79 1.82 -9.37 15.92
C LEU D 79 2.17 -10.62 16.72
N GLN D 80 2.76 -11.59 16.03
CA GLN D 80 3.28 -12.79 16.69
C GLN D 80 4.70 -12.51 17.17
N MET D 81 4.94 -12.65 18.48
CA MET D 81 6.23 -12.33 19.08
C MET D 81 6.82 -13.61 19.66
N ASN D 82 7.87 -14.11 19.03
CA ASN D 82 8.52 -15.34 19.45
C ASN D 82 9.84 -15.05 20.15
N ASN D 83 10.30 -16.01 20.95
CA ASN D 83 11.61 -15.97 21.59
C ASN D 83 11.80 -14.66 22.36
N LEU D 84 10.82 -14.35 23.18
CA LEU D 84 10.82 -13.09 23.91
C LEU D 84 11.88 -13.07 25.02
N ARG D 85 12.33 -11.87 25.36
CA ARG D 85 13.33 -11.66 26.38
C ARG D 85 12.88 -10.57 27.32
N PRO D 86 13.47 -10.50 28.50
CA PRO D 86 13.05 -9.47 29.46
C PRO D 86 13.07 -8.06 28.90
N GLU D 87 14.07 -7.72 28.09
CA GLU D 87 14.13 -6.37 27.54
C GLU D 87 12.99 -6.04 26.58
N ASP D 88 12.25 -7.03 26.08
CA ASP D 88 11.06 -6.78 25.28
C ASP D 88 9.88 -6.32 26.11
N SER D 89 9.96 -6.39 27.43
CA SER D 89 8.83 -5.98 28.26
C SER D 89 8.53 -4.50 28.05
N ASN D 90 7.26 -4.22 27.81
CA ASN D 90 6.84 -2.85 27.58
C ASN D 90 5.32 -2.78 27.43
N VAL D 91 4.85 -1.55 27.24
CA VAL D 91 3.51 -1.30 26.76
C VAL D 91 3.60 -1.15 25.25
N TYR D 92 2.81 -1.94 24.52
CA TYR D 92 2.75 -1.91 23.06
C TYR D 92 1.40 -1.36 22.65
N VAL D 93 1.40 -0.32 21.81
CA VAL D 93 0.17 0.38 21.44
C VAL D 93 -0.08 0.17 19.98
N CYS D 94 -1.31 -0.24 19.63
CA CYS D 94 -1.72 -0.32 18.22
C CYS D 94 -1.97 1.09 17.68
N GLY D 95 -1.48 1.37 16.47
CA GLY D 95 -1.79 2.62 15.80
C GLY D 95 -2.20 2.39 14.36
N ALA D 96 -3.05 3.28 13.86
CA ALA D 96 -3.49 3.23 12.48
C ALA D 96 -3.39 4.62 11.88
N LEU D 97 -2.86 4.68 10.68
CA LEU D 97 -2.74 5.91 9.92
C LEU D 97 -3.76 5.91 8.80
N SER D 98 -4.57 6.95 8.78
CA SER D 98 -5.59 7.15 7.75
C SER D 98 -5.34 8.47 7.04
N SER D 99 -6.17 8.74 6.05
CA SER D 99 -5.95 9.86 5.16
C SER D 99 -6.78 11.08 5.51
N GLY D 100 -7.33 11.13 6.72
CA GLY D 100 -8.23 12.19 7.12
C GLY D 100 -7.53 13.30 7.90
N VAL D 101 -8.35 14.15 8.54
CA VAL D 101 -7.84 15.37 9.16
C VAL D 101 -7.03 15.06 10.42
N ASN D 102 -7.51 14.16 11.27
CA ASN D 102 -6.70 13.59 12.34
C ASN D 102 -6.22 12.22 11.86
N PRO D 103 -5.04 12.13 11.30
CA PRO D 103 -4.71 10.91 10.58
C PRO D 103 -4.34 9.72 11.46
N TRP D 104 -3.97 9.90 12.74
CA TRP D 104 -3.55 8.79 13.60
C TRP D 104 -4.65 8.41 14.57
N ALA D 105 -4.95 7.11 14.65
CA ALA D 105 -5.75 6.53 15.71
C ALA D 105 -4.84 5.64 16.56
N TRP D 106 -5.13 5.58 17.86
CA TRP D 106 -4.31 4.85 18.81
C TRP D 106 -5.20 3.99 19.69
N GLY D 107 -4.74 2.76 19.94
CA GLY D 107 -5.41 1.89 20.87
C GLY D 107 -5.04 2.25 22.31
N GLN D 108 -5.46 1.39 23.22
CA GLN D 108 -5.36 1.63 24.65
C GLN D 108 -4.01 1.20 25.21
N GLY D 109 -3.30 0.37 24.48
CA GLY D 109 -2.06 -0.18 24.97
C GLY D 109 -2.26 -1.54 25.60
N THR D 110 -1.28 -2.40 25.37
CA THR D 110 -1.25 -3.77 25.86
C THR D 110 0.11 -4.05 26.48
N GLN D 111 0.15 -4.67 27.66
CA GLN D 111 1.43 -4.97 28.28
C GLN D 111 1.95 -6.34 27.90
N VAL D 112 3.24 -6.39 27.59
CA VAL D 112 4.01 -7.62 27.43
C VAL D 112 5.04 -7.61 28.54
N THR D 113 5.02 -8.64 29.39
CA THR D 113 5.96 -8.77 30.50
C THR D 113 6.66 -10.12 30.42
N VAL D 114 7.97 -10.09 30.35
CA VAL D 114 8.76 -11.29 30.13
C VAL D 114 9.65 -11.53 31.34
N SER D 115 9.49 -12.70 31.96
CA SER D 115 10.31 -13.04 33.10
C SER D 115 11.73 -13.41 32.64
N SER D 116 12.63 -13.49 33.60
CA SER D 116 14.05 -13.78 33.31
C SER D 116 14.30 -15.27 33.15
N GLU D 117 13.57 -16.09 33.89
CA GLU D 117 13.78 -17.53 33.82
C GLU D 117 13.11 -18.12 32.59
#